data_2P8O
#
_entry.id   2P8O
#
_cell.length_a   68.989
_cell.length_b   68.989
_cell.length_c   95.892
_cell.angle_alpha   90.00
_cell.angle_beta   90.00
_cell.angle_gamma   90.00
#
_symmetry.space_group_name_H-M   'P 42 21 2'
#
loop_
_entity.id
_entity.type
_entity.pdbx_description
1 polymer 'Chymotrypsin A chain A'
2 polymer 'Chymotrypsin A chain B'
3 polymer 'Chymotrypsin A chain C'
4 non-polymer 'SULFATE ION'
5 non-polymer TRIHYDROXY[(N-HYDROXYBENZAMIDATO)OXO]VANADATE
6 water water
#
loop_
_entity_poly.entity_id
_entity_poly.type
_entity_poly.pdbx_seq_one_letter_code
_entity_poly.pdbx_strand_id
1 'polypeptide(L)' CGVPAIQPVLSGL A
2 'polypeptide(L)'
;IVNGEEAVPGSWPWQVSLQDKTGFHFCGGSLINENWVVTAAHCGVTTSDVVVAGEFDQGSSSEKIQKLKIAKVFKNSKYN
SLTINNDITLLKLSTAASFSQTVSAVCLPSASDDFAAGTTCVTTGWGLTRY
;
B
3 'polypeptide(L)'
;ANTPDRLQQASLPLLSNTNCKKYWGTKIKDAMICAGASGVSSCMGDSGGPLVCKKNGAWTLVGIVSWGSSTCSTSTPGVY
ARVTALVNWVQQTLAAN
;
C
#
loop_
_chem_comp.id
_chem_comp.type
_chem_comp.name
_chem_comp.formula
BVA non-polymer TRIHYDROXY[(N-HYDROXYBENZAMIDATO)OXO]VANADATE 'C7 H9 N O5 V'
SO4 non-polymer 'SULFATE ION' 'O4 S -2'
#
# COMPACT_ATOMS: atom_id res chain seq x y z
N CYS A 1 2.03 -3.93 -16.24
CA CYS A 1 1.77 -3.37 -14.91
C CYS A 1 2.09 -1.89 -14.88
N GLY A 2 1.62 -1.18 -13.86
CA GLY A 2 2.20 0.11 -13.54
C GLY A 2 1.78 1.32 -14.36
N VAL A 3 0.90 1.10 -15.35
CA VAL A 3 0.50 2.24 -16.18
C VAL A 3 -1.02 2.43 -16.17
N PRO A 4 -1.53 3.28 -15.29
CA PRO A 4 -2.97 3.49 -15.18
C PRO A 4 -3.58 3.95 -16.52
N ALA A 5 -4.73 3.36 -16.82
CA ALA A 5 -5.49 3.84 -18.00
C ALA A 5 -6.00 5.25 -17.79
N ILE A 6 -6.26 5.58 -16.53
CA ILE A 6 -6.71 6.93 -16.18
C ILE A 6 -5.54 7.57 -15.47
N GLN A 7 -4.92 8.56 -16.09
CA GLN A 7 -3.63 9.01 -15.55
C GLN A 7 -3.77 9.82 -14.28
N PRO A 8 -3.00 9.50 -13.23
CA PRO A 8 -3.09 10.31 -12.01
C PRO A 8 -2.57 11.72 -12.28
N VAL A 9 -3.10 12.64 -11.50
CA VAL A 9 -2.76 14.05 -11.59
C VAL A 9 -2.49 14.54 -10.16
N LEU A 10 -1.30 15.01 -9.94
CA LEU A 10 -0.53 15.65 -8.92
C LEU A 10 -1.14 15.48 -7.52
N ILE B 1 -4.60 9.57 4.85
CA ILE B 1 -3.48 10.49 4.64
C ILE B 1 -3.76 11.90 5.14
N VAL B 2 -2.86 12.47 5.94
CA VAL B 2 -3.04 13.83 6.40
C VAL B 2 -2.38 14.80 5.42
N ASN B 3 -3.12 15.82 5.01
CA ASN B 3 -2.65 16.89 4.14
C ASN B 3 -2.34 16.42 2.73
N GLY B 4 -3.03 15.35 2.34
CA GLY B 4 -3.01 14.92 0.96
C GLY B 4 -4.14 15.63 0.21
N GLU B 5 -4.58 15.00 -0.85
CA GLU B 5 -5.69 15.54 -1.61
C GLU B 5 -6.44 14.41 -2.30
N GLU B 6 -7.63 14.73 -2.77
CA GLU B 6 -8.44 13.72 -3.46
C GLU B 6 -7.83 13.30 -4.78
N ALA B 7 -7.83 12.00 -5.08
CA ALA B 7 -7.29 11.46 -6.31
C ALA B 7 -8.22 11.62 -7.50
N VAL B 8 -7.64 11.64 -8.72
CA VAL B 8 -8.50 11.49 -9.89
C VAL B 8 -9.19 10.15 -9.77
N PRO B 9 -10.50 10.01 -9.90
CA PRO B 9 -11.14 8.71 -9.75
C PRO B 9 -10.59 7.67 -10.72
N GLY B 10 -10.29 6.51 -10.13
CA GLY B 10 -9.78 5.39 -10.87
C GLY B 10 -8.34 5.48 -11.31
N SER B 11 -7.59 6.51 -10.92
CA SER B 11 -6.23 6.74 -11.39
C SER B 11 -5.18 5.93 -10.63
N TRP B 12 -5.56 5.18 -9.61
CA TRP B 12 -4.68 4.28 -8.88
C TRP B 12 -5.32 2.90 -8.91
N PRO B 13 -5.34 2.24 -10.07
CA PRO B 13 -6.23 1.10 -10.27
C PRO B 13 -5.85 -0.17 -9.53
N TRP B 14 -4.66 -0.18 -8.94
CA TRP B 14 -4.21 -1.31 -8.15
C TRP B 14 -4.69 -1.16 -6.71
N GLN B 15 -5.07 0.08 -6.36
CA GLN B 15 -5.46 0.27 -4.96
C GLN B 15 -6.78 -0.43 -4.65
N VAL B 16 -6.73 -1.25 -3.61
CA VAL B 16 -7.94 -1.90 -3.12
C VAL B 16 -8.20 -1.51 -1.66
N SER B 17 -9.47 -1.77 -1.24
CA SER B 17 -9.87 -1.53 0.15
C SER B 17 -10.06 -2.87 0.82
N LEU B 18 -9.46 -3.11 1.99
CA LEU B 18 -9.75 -4.37 2.70
C LEU B 18 -10.84 -4.03 3.73
N GLN B 19 -11.95 -4.74 3.57
CA GLN B 19 -13.11 -4.48 4.43
C GLN B 19 -13.49 -5.76 5.20
N ASP B 20 -13.94 -5.54 6.44
CA ASP B 20 -14.41 -6.71 7.20
C ASP B 20 -15.84 -7.04 6.84
N LYS B 21 -16.42 -8.02 7.55
CA LYS B 21 -17.73 -8.48 7.05
C LYS B 21 -18.81 -7.42 7.24
N THR B 22 -18.58 -6.45 8.12
CA THR B 22 -19.59 -5.41 8.31
C THR B 22 -19.44 -4.29 7.27
N GLY B 23 -18.48 -4.44 6.36
CA GLY B 23 -18.24 -3.43 5.34
C GLY B 23 -17.35 -2.28 5.76
N PHE B 24 -16.69 -2.36 6.91
CA PHE B 24 -15.80 -1.37 7.46
C PHE B 24 -14.42 -1.43 6.80
N HIS B 25 -13.99 -0.34 6.22
CA HIS B 25 -12.65 -0.27 5.65
C HIS B 25 -11.63 -0.29 6.77
N PHE B 26 -10.69 -1.23 6.77
CA PHE B 26 -9.65 -1.15 7.81
C PHE B 26 -8.22 -1.09 7.27
N CYS B 27 -7.97 -1.45 6.01
CA CYS B 27 -6.60 -1.38 5.48
C CYS B 27 -6.63 -1.16 3.97
N GLY B 28 -5.50 -0.76 3.38
CA GLY B 28 -5.42 -0.79 1.92
C GLY B 28 -4.65 -2.03 1.46
N GLY B 29 -4.47 -2.16 0.14
CA GLY B 29 -3.71 -3.23 -0.48
C GLY B 29 -3.49 -2.84 -1.94
N SER B 30 -2.68 -3.63 -2.63
CA SER B 30 -2.38 -3.36 -4.05
C SER B 30 -2.50 -4.63 -4.85
N LEU B 31 -3.24 -4.60 -5.96
CA LEU B 31 -3.20 -5.77 -6.85
C LEU B 31 -1.85 -5.88 -7.57
N ILE B 32 -1.28 -7.07 -7.61
CA ILE B 32 -0.06 -7.31 -8.39
C ILE B 32 -0.34 -8.18 -9.61
N ASN B 33 -1.55 -8.71 -9.70
CA ASN B 33 -2.08 -9.41 -10.87
C ASN B 33 -3.54 -9.73 -10.59
N GLU B 34 -4.19 -10.47 -11.49
CA GLU B 34 -5.64 -10.62 -11.28
C GLU B 34 -5.99 -11.49 -10.09
N ASN B 35 -5.00 -12.19 -9.53
CA ASN B 35 -5.34 -13.19 -8.52
C ASN B 35 -4.77 -12.91 -7.15
N TRP B 36 -3.97 -11.86 -7.05
CA TRP B 36 -3.20 -11.65 -5.83
C TRP B 36 -3.10 -10.17 -5.44
N VAL B 37 -3.24 -9.92 -4.15
CA VAL B 37 -3.13 -8.62 -3.53
C VAL B 37 -2.01 -8.62 -2.51
N VAL B 38 -1.20 -7.57 -2.51
CA VAL B 38 -0.16 -7.45 -1.48
C VAL B 38 -0.61 -6.39 -0.48
N THR B 39 -0.47 -6.71 0.81
CA THR B 39 -0.87 -5.77 1.86
C THR B 39 0.11 -5.88 3.03
N ALA B 40 -0.15 -5.27 4.17
CA ALA B 40 0.72 -5.36 5.34
C ALA B 40 0.35 -6.55 6.22
N ALA B 41 1.36 -7.20 6.79
CA ALA B 41 1.04 -8.33 7.69
C ALA B 41 0.30 -7.83 8.92
N HIS B 42 0.62 -6.65 9.42
CA HIS B 42 -0.07 -6.19 10.63
C HIS B 42 -1.54 -5.88 10.34
N CYS B 43 -2.02 -5.90 9.08
CA CYS B 43 -3.44 -5.67 8.87
C CYS B 43 -4.30 -6.82 9.39
N GLY B 44 -3.65 -7.98 9.65
CA GLY B 44 -4.42 -9.05 10.26
C GLY B 44 -5.56 -9.58 9.45
N VAL B 45 -5.45 -9.53 8.12
CA VAL B 45 -6.49 -10.06 7.25
C VAL B 45 -6.81 -11.53 7.54
N THR B 46 -8.10 -11.86 7.48
CA THR B 46 -8.61 -13.23 7.52
C THR B 46 -9.44 -13.52 6.26
N THR B 47 -9.75 -14.79 6.05
CA THR B 47 -10.53 -15.14 4.86
C THR B 47 -12.00 -14.73 5.02
N SER B 48 -12.37 -14.18 6.16
CA SER B 48 -13.73 -13.60 6.23
C SER B 48 -13.74 -12.15 5.78
N ASP B 49 -12.57 -11.56 5.52
CA ASP B 49 -12.53 -10.18 4.99
C ASP B 49 -12.67 -10.22 3.45
N VAL B 50 -12.88 -9.03 2.89
CA VAL B 50 -13.16 -8.84 1.47
C VAL B 50 -12.21 -7.82 0.85
N VAL B 51 -11.74 -8.16 -0.34
CA VAL B 51 -10.97 -7.21 -1.14
C VAL B 51 -11.91 -6.45 -2.07
N VAL B 52 -11.92 -5.12 -1.99
CA VAL B 52 -12.79 -4.32 -2.85
C VAL B 52 -11.91 -3.56 -3.85
N ALA B 53 -12.08 -3.92 -5.11
CA ALA B 53 -11.37 -3.31 -6.22
C ALA B 53 -12.24 -2.33 -7.00
N GLY B 54 -11.58 -1.36 -7.64
CA GLY B 54 -12.32 -0.41 -8.49
C GLY B 54 -13.03 0.70 -7.75
N GLU B 55 -12.79 0.94 -6.49
CA GLU B 55 -13.54 1.91 -5.70
C GLU B 55 -12.86 3.28 -5.68
N PHE B 56 -13.65 4.34 -5.69
CA PHE B 56 -13.14 5.69 -5.48
C PHE B 56 -13.77 6.29 -4.23
N ASP B 57 -15.10 6.38 -4.24
CA ASP B 57 -15.92 7.00 -3.20
C ASP B 57 -16.65 5.92 -2.43
N GLN B 58 -16.22 5.70 -1.17
CA GLN B 58 -16.77 4.58 -0.39
C GLN B 58 -18.17 4.94 0.10
N GLY B 59 -18.54 6.20 -0.12
CA GLY B 59 -19.88 6.67 0.21
C GLY B 59 -20.85 6.55 -0.96
N SER B 60 -20.37 6.09 -2.11
CA SER B 60 -21.17 6.02 -3.33
C SER B 60 -21.70 4.61 -3.55
N SER B 61 -22.95 4.47 -4.00
CA SER B 61 -23.48 3.17 -4.38
C SER B 61 -23.53 2.96 -5.89
N SER B 62 -23.06 3.94 -6.66
CA SER B 62 -23.16 3.81 -8.11
C SER B 62 -21.87 3.40 -8.79
N GLU B 63 -20.82 3.05 -8.03
CA GLU B 63 -19.58 2.62 -8.69
C GLU B 63 -19.63 1.15 -9.04
N LYS B 64 -19.02 0.79 -10.17
CA LYS B 64 -18.96 -0.64 -10.51
C LYS B 64 -17.71 -1.21 -9.84
N ILE B 65 -17.91 -1.64 -8.60
CA ILE B 65 -16.80 -2.17 -7.82
C ILE B 65 -16.82 -3.68 -7.91
N GLN B 66 -15.71 -4.30 -7.53
CA GLN B 66 -15.64 -5.77 -7.47
C GLN B 66 -15.34 -6.17 -6.03
N LYS B 67 -16.25 -6.88 -5.40
CA LYS B 67 -16.06 -7.41 -4.04
C LYS B 67 -15.55 -8.84 -4.18
N LEU B 68 -14.28 -9.04 -3.82
CA LEU B 68 -13.58 -10.28 -4.11
C LEU B 68 -13.28 -11.04 -2.82
N LYS B 69 -13.74 -12.28 -2.77
CA LYS B 69 -13.46 -13.21 -1.70
C LYS B 69 -11.98 -13.60 -1.65
N ILE B 70 -11.51 -13.89 -0.44
CA ILE B 70 -10.13 -14.28 -0.19
C ILE B 70 -10.04 -15.77 0.10
N ALA B 71 -9.29 -16.50 -0.72
CA ALA B 71 -9.13 -17.95 -0.56
C ALA B 71 -8.13 -18.29 0.53
N LYS B 72 -7.03 -17.55 0.57
CA LYS B 72 -6.02 -17.87 1.60
C LYS B 72 -5.12 -16.66 1.87
N VAL B 73 -4.64 -16.59 3.10
CA VAL B 73 -3.83 -15.51 3.62
C VAL B 73 -2.41 -16.02 3.83
N PHE B 74 -1.49 -15.48 3.05
CA PHE B 74 -0.08 -15.84 3.16
C PHE B 74 0.70 -14.76 3.88
N LYS B 75 0.85 -14.88 5.21
CA LYS B 75 1.63 -13.91 5.96
C LYS B 75 3.10 -14.33 5.86
N ASN B 76 3.98 -13.39 5.47
CA ASN B 76 5.39 -13.80 5.33
C ASN B 76 5.92 -14.34 6.65
N SER B 77 6.49 -15.56 6.60
CA SER B 77 6.99 -16.17 7.84
C SER B 77 8.07 -15.32 8.53
N LYS B 78 8.74 -14.44 7.79
CA LYS B 78 9.74 -13.56 8.38
C LYS B 78 9.15 -12.41 9.16
N TYR B 79 7.86 -12.12 9.01
CA TYR B 79 7.24 -11.02 9.73
C TYR B 79 7.49 -11.09 11.23
N ASN B 80 7.96 -9.99 11.81
CA ASN B 80 8.14 -9.98 13.27
C ASN B 80 7.16 -9.02 13.89
N SER B 81 6.15 -9.53 14.61
CA SER B 81 5.11 -8.69 15.20
C SER B 81 5.67 -7.84 16.34
N LEU B 82 6.86 -8.13 16.83
CA LEU B 82 7.40 -7.30 17.91
C LEU B 82 8.11 -6.05 17.39
N THR B 83 8.75 -6.10 16.23
CA THR B 83 9.50 -4.99 15.67
C THR B 83 8.79 -4.42 14.43
N ILE B 84 7.78 -5.15 13.98
CA ILE B 84 6.97 -4.87 12.79
C ILE B 84 7.80 -5.00 11.52
N ASN B 85 8.89 -5.73 11.57
CA ASN B 85 9.77 -5.93 10.42
C ASN B 85 9.23 -6.99 9.46
N ASN B 86 9.51 -6.85 8.17
CA ASN B 86 9.04 -7.73 7.11
C ASN B 86 7.50 -7.77 7.09
N ASP B 87 6.93 -6.57 7.11
CA ASP B 87 5.50 -6.36 7.27
C ASP B 87 4.76 -6.54 5.95
N ILE B 88 4.61 -7.81 5.52
CA ILE B 88 3.99 -8.06 4.21
C ILE B 88 3.18 -9.35 4.24
N THR B 89 1.98 -9.32 3.67
CA THR B 89 1.07 -10.42 3.50
C THR B 89 0.53 -10.43 2.07
N LEU B 90 0.42 -11.63 1.55
CA LEU B 90 -0.20 -11.85 0.26
C LEU B 90 -1.58 -12.49 0.43
N LEU B 91 -2.52 -11.98 -0.37
CA LEU B 91 -3.88 -12.51 -0.39
C LEU B 91 -4.12 -13.16 -1.75
N LYS B 92 -4.46 -14.45 -1.74
CA LYS B 92 -4.85 -15.13 -2.95
C LYS B 92 -6.37 -15.07 -3.07
N LEU B 93 -6.85 -14.50 -4.17
CA LEU B 93 -8.30 -14.27 -4.32
C LEU B 93 -8.99 -15.56 -4.71
N SER B 94 -10.22 -15.75 -4.25
CA SER B 94 -11.03 -16.92 -4.55
C SER B 94 -11.40 -16.92 -6.02
N THR B 95 -11.77 -15.72 -6.49
CA THR B 95 -12.03 -15.55 -7.92
C THR B 95 -11.21 -14.34 -8.42
N ALA B 96 -10.62 -14.47 -9.59
CA ALA B 96 -9.82 -13.41 -10.15
C ALA B 96 -10.57 -12.09 -10.29
N ALA B 97 -9.85 -11.00 -10.06
CA ALA B 97 -10.33 -9.67 -10.42
C ALA B 97 -10.44 -9.58 -11.94
N SER B 98 -11.38 -8.79 -12.41
CA SER B 98 -11.54 -8.50 -13.84
C SER B 98 -10.88 -7.16 -14.15
N PHE B 99 -9.77 -7.21 -14.87
CA PHE B 99 -9.01 -5.98 -15.08
C PHE B 99 -9.74 -5.09 -16.09
N SER B 100 -9.74 -3.80 -15.84
CA SER B 100 -10.45 -2.80 -16.63
C SER B 100 -9.73 -1.47 -16.61
N GLN B 101 -10.36 -0.39 -17.07
CA GLN B 101 -9.68 0.88 -16.89
C GLN B 101 -9.40 1.24 -15.43
N THR B 102 -10.26 0.80 -14.49
CA THR B 102 -10.10 1.19 -13.10
C THR B 102 -9.53 0.11 -12.20
N VAL B 103 -9.21 -1.03 -12.78
CA VAL B 103 -8.71 -2.18 -12.00
C VAL B 103 -7.54 -2.80 -12.77
N SER B 104 -6.32 -2.68 -12.26
CA SER B 104 -5.13 -3.26 -12.90
C SER B 104 -3.98 -3.33 -11.90
N ALA B 105 -2.83 -3.86 -12.31
CA ALA B 105 -1.78 -4.21 -11.34
C ALA B 105 -0.71 -3.16 -11.21
N VAL B 106 -0.13 -3.06 -10.01
CA VAL B 106 1.08 -2.26 -9.87
C VAL B 106 2.30 -3.06 -10.29
N CYS B 107 3.42 -2.43 -10.70
CA CYS B 107 4.65 -3.23 -10.89
C CYS B 107 5.38 -3.51 -9.58
N LEU B 108 6.06 -4.65 -9.53
CA LEU B 108 6.98 -4.94 -8.43
C LEU B 108 8.43 -4.66 -8.85
N PRO B 109 9.31 -4.27 -7.95
CA PRO B 109 10.72 -3.99 -8.28
C PRO B 109 11.56 -5.26 -8.37
N SER B 110 12.74 -5.15 -8.98
CA SER B 110 13.74 -6.21 -8.78
C SER B 110 14.40 -6.06 -7.42
N ALA B 111 14.85 -7.16 -6.80
CA ALA B 111 15.40 -7.03 -5.45
C ALA B 111 16.59 -6.08 -5.42
N SER B 112 17.27 -5.99 -6.56
CA SER B 112 18.46 -5.13 -6.64
C SER B 112 18.14 -3.69 -7.02
N ASP B 113 16.88 -3.31 -7.26
CA ASP B 113 16.63 -1.94 -7.71
C ASP B 113 16.98 -0.92 -6.65
N ASP B 114 17.39 0.27 -7.12
CA ASP B 114 17.78 1.34 -6.20
C ASP B 114 16.75 2.46 -6.25
N PHE B 115 16.13 2.71 -5.10
CA PHE B 115 15.21 3.83 -5.00
C PHE B 115 15.80 4.80 -3.98
N ALA B 116 16.49 5.82 -4.51
CA ALA B 116 17.37 6.58 -3.63
C ALA B 116 16.67 7.59 -2.72
N ALA B 117 17.32 7.88 -1.60
CA ALA B 117 16.78 8.92 -0.71
C ALA B 117 16.73 10.23 -1.51
N GLY B 118 15.66 10.99 -1.29
CA GLY B 118 15.38 12.23 -2.00
C GLY B 118 14.45 12.08 -3.17
N THR B 119 14.21 10.86 -3.65
CA THR B 119 13.24 10.54 -4.69
C THR B 119 11.82 10.85 -4.22
N THR B 120 10.99 11.48 -5.05
CA THR B 120 9.59 11.70 -4.65
C THR B 120 8.73 10.57 -5.20
N CYS B 121 7.93 10.00 -4.30
CA CYS B 121 7.00 8.92 -4.65
C CYS B 121 5.61 9.34 -4.23
N VAL B 122 4.65 8.45 -4.34
CA VAL B 122 3.26 8.75 -4.00
C VAL B 122 2.69 7.64 -3.11
N THR B 123 1.92 8.06 -2.10
CA THR B 123 1.11 7.07 -1.35
C THR B 123 -0.36 7.47 -1.46
N THR B 124 -1.20 6.46 -1.40
CA THR B 124 -2.63 6.60 -1.58
C THR B 124 -3.39 5.81 -0.53
N GLY B 125 -4.66 6.18 -0.33
CA GLY B 125 -5.47 5.40 0.59
C GLY B 125 -6.63 6.17 1.21
N TRP B 126 -7.40 5.40 2.00
CA TRP B 126 -8.56 6.00 2.67
C TRP B 126 -8.34 6.15 4.18
N GLY B 127 -7.09 6.28 4.59
CA GLY B 127 -6.78 6.55 5.99
C GLY B 127 -7.29 7.93 6.43
N LEU B 128 -7.36 8.13 7.73
CA LEU B 128 -7.75 9.41 8.31
C LEU B 128 -7.02 10.59 7.68
N THR B 129 -7.71 11.72 7.50
CA THR B 129 -7.10 12.94 6.99
C THR B 129 -6.84 13.96 8.09
N ARG B 130 -7.20 13.59 9.30
CA ARG B 130 -7.00 14.33 10.53
C ARG B 130 -7.03 13.34 11.70
N TYR B 131 -6.01 13.34 12.55
CA TYR B 131 -5.95 12.28 13.57
C TYR B 131 -6.79 12.66 14.79
N THR C 3 -12.91 7.61 8.48
CA THR C 3 -12.09 7.65 7.28
C THR C 3 -12.78 8.47 6.18
N PRO C 4 -12.04 9.18 5.34
CA PRO C 4 -12.59 9.95 4.23
C PRO C 4 -13.31 9.02 3.25
N ASP C 5 -14.40 9.51 2.64
CA ASP C 5 -15.09 8.66 1.67
C ASP C 5 -14.24 8.50 0.40
N ARG C 6 -13.60 9.59 -0.04
CA ARG C 6 -12.92 9.49 -1.34
C ARG C 6 -11.41 9.25 -1.19
N LEU C 7 -10.91 8.44 -2.14
CA LEU C 7 -9.51 8.06 -2.12
C LEU C 7 -8.58 9.27 -2.14
N GLN C 8 -7.60 9.29 -1.26
CA GLN C 8 -6.64 10.37 -1.15
C GLN C 8 -5.27 9.93 -1.69
N GLN C 9 -4.49 10.94 -2.03
CA GLN C 9 -3.13 10.76 -2.53
C GLN C 9 -2.23 11.84 -1.96
N ALA C 10 -0.95 11.50 -1.86
CA ALA C 10 0.06 12.52 -1.48
C ALA C 10 1.41 12.15 -2.09
N SER C 11 2.13 13.17 -2.56
CA SER C 11 3.53 12.94 -2.94
C SER C 11 4.41 13.14 -1.73
N LEU C 12 5.51 12.42 -1.63
CA LEU C 12 6.38 12.49 -0.45
C LEU C 12 7.73 11.88 -0.79
N PRO C 13 8.80 12.33 -0.15
CA PRO C 13 10.12 11.84 -0.49
C PRO C 13 10.61 10.65 0.34
N LEU C 14 11.45 9.84 -0.30
CA LEU C 14 12.10 8.75 0.41
C LEU C 14 13.26 9.25 1.26
N LEU C 15 13.37 8.71 2.47
CA LEU C 15 14.54 9.05 3.28
C LEU C 15 15.56 7.92 3.19
N SER C 16 16.80 8.18 3.61
CA SER C 16 17.76 7.09 3.88
C SER C 16 17.47 6.42 5.22
N ASN C 17 17.78 5.16 5.44
CA ASN C 17 17.50 4.59 6.76
C ASN C 17 18.29 5.28 7.87
N THR C 18 19.55 5.56 7.57
CA THR C 18 20.45 6.24 8.49
C THR C 18 19.84 7.51 9.02
N ASN C 19 19.39 8.33 8.07
CA ASN C 19 18.68 9.53 8.43
C ASN C 19 17.39 9.29 9.19
N CYS C 20 16.64 8.26 8.79
CA CYS C 20 15.37 7.96 9.46
C CYS C 20 15.62 7.59 10.92
N LYS C 21 16.76 6.93 11.15
CA LYS C 21 17.11 6.57 12.51
C LYS C 21 17.37 7.80 13.36
N LYS C 22 17.55 8.97 12.73
CA LYS C 22 17.59 10.12 13.66
C LYS C 22 16.24 10.31 14.33
N TYR C 23 15.15 9.83 13.74
CA TYR C 23 13.85 10.02 14.33
C TYR C 23 13.39 8.79 15.15
N TRP C 24 13.68 7.61 14.64
CA TRP C 24 13.12 6.37 15.12
C TRP C 24 14.14 5.40 15.70
N GLY C 25 15.42 5.79 15.60
CA GLY C 25 16.49 4.99 16.18
C GLY C 25 16.47 3.55 15.74
N THR C 26 16.72 2.61 16.65
CA THR C 26 16.89 1.19 16.30
C THR C 26 15.61 0.49 15.86
N LYS C 27 14.48 1.16 15.86
CA LYS C 27 13.23 0.62 15.33
C LYS C 27 13.35 0.40 13.83
N ILE C 28 14.26 1.15 13.20
CA ILE C 28 14.39 1.02 11.74
C ILE C 28 15.26 -0.13 11.31
N LYS C 29 14.66 -1.14 10.69
CA LYS C 29 15.36 -2.29 10.17
C LYS C 29 15.56 -2.19 8.66
N ASP C 30 16.44 -3.02 8.13
CA ASP C 30 16.81 -3.05 6.71
C ASP C 30 15.60 -3.32 5.83
N ALA C 31 14.60 -4.05 6.34
CA ALA C 31 13.45 -4.33 5.48
C ALA C 31 12.40 -3.25 5.62
N MET C 32 12.81 -2.09 6.12
CA MET C 32 11.93 -0.94 6.20
C MET C 32 12.48 0.20 5.34
N ILE C 33 11.58 1.02 4.82
CA ILE C 33 12.01 2.24 4.15
C ILE C 33 11.14 3.38 4.67
N CYS C 34 11.74 4.53 4.97
CA CYS C 34 10.96 5.66 5.48
C CYS C 34 10.65 6.67 4.38
N ALA C 35 9.53 7.35 4.59
CA ALA C 35 9.14 8.35 3.59
C ALA C 35 8.23 9.37 4.27
N GLY C 36 8.29 10.62 3.78
CA GLY C 36 7.45 11.63 4.43
C GLY C 36 8.31 12.62 5.19
N ALA C 37 7.82 12.99 6.37
CA ALA C 37 8.39 14.07 7.19
C ALA C 37 8.44 15.34 6.35
N SER C 38 7.49 15.49 5.45
CA SER C 38 7.52 16.50 4.42
C SER C 38 6.31 17.41 4.40
N GLY C 39 5.45 17.31 5.41
CA GLY C 39 4.20 18.05 5.47
C GLY C 39 2.98 17.19 5.21
N VAL C 40 3.22 15.91 4.95
CA VAL C 40 2.10 14.96 4.76
C VAL C 40 2.39 13.73 5.60
N SER C 41 1.35 12.93 5.84
CA SER C 41 1.55 11.70 6.61
C SER C 41 0.53 10.64 6.25
N SER C 42 1.00 9.38 6.14
CA SER C 42 -0.01 8.28 6.16
C SER C 42 -0.67 8.29 7.53
N CYS C 43 -1.81 7.60 7.66
CA CYS C 43 -2.49 7.69 8.97
C CYS C 43 -3.39 6.47 9.13
N MET C 44 -4.07 6.30 10.26
CA MET C 44 -4.82 5.08 10.45
C MET C 44 -5.83 4.80 9.35
N GLY C 45 -5.79 3.59 8.82
CA GLY C 45 -6.62 3.12 7.72
C GLY C 45 -5.83 3.10 6.41
N ASP C 46 -4.65 3.70 6.38
CA ASP C 46 -3.83 3.67 5.18
C ASP C 46 -2.96 2.42 5.14
N SER C 47 -2.75 1.82 6.31
CA SER C 47 -1.94 0.62 6.49
C SER C 47 -2.18 -0.40 5.41
N GLY C 48 -1.10 -0.96 4.85
CA GLY C 48 -1.23 -2.01 3.87
C GLY C 48 -1.30 -1.47 2.44
N GLY C 49 -1.58 -0.18 2.27
CA GLY C 49 -1.65 0.33 0.87
C GLY C 49 -0.28 0.68 0.33
N PRO C 50 -0.27 1.21 -0.89
CA PRO C 50 0.97 1.42 -1.61
C PRO C 50 1.71 2.72 -1.35
N LEU C 51 3.05 2.59 -1.43
CA LEU C 51 3.98 3.67 -1.66
C LEU C 51 4.59 3.37 -3.03
N VAL C 52 4.24 4.13 -4.03
CA VAL C 52 4.72 3.83 -5.39
C VAL C 52 5.63 4.94 -5.94
N CYS C 53 6.63 4.51 -6.73
CA CYS C 53 7.56 5.47 -7.36
C CYS C 53 7.53 5.24 -8.87
N LYS C 54 7.51 6.32 -9.63
CA LYS C 54 7.46 6.23 -11.09
C LYS C 54 8.86 6.15 -11.69
N LYS C 55 9.14 5.04 -12.37
CA LYS C 55 10.42 4.76 -13.00
C LYS C 55 10.25 4.15 -14.40
N ASN C 56 11.00 4.71 -15.35
CA ASN C 56 10.87 4.27 -16.74
C ASN C 56 9.40 4.31 -17.16
N GLY C 57 8.65 5.29 -16.66
CA GLY C 57 7.28 5.55 -17.06
C GLY C 57 6.24 4.72 -16.36
N ALA C 58 6.65 3.82 -15.47
CA ALA C 58 5.63 3.00 -14.82
C ALA C 58 5.72 3.13 -13.30
N TRP C 59 4.60 2.90 -12.63
CA TRP C 59 4.65 2.93 -11.16
C TRP C 59 5.04 1.58 -10.58
N THR C 60 5.99 1.65 -9.66
CA THR C 60 6.50 0.45 -8.98
C THR C 60 6.27 0.56 -7.47
N LEU C 61 5.83 -0.57 -6.92
CA LEU C 61 5.57 -0.63 -5.47
C LEU C 61 6.88 -0.71 -4.70
N VAL C 62 7.28 0.40 -4.09
CA VAL C 62 8.53 0.44 -3.36
C VAL C 62 8.29 0.25 -1.86
N GLY C 63 7.10 0.65 -1.39
CA GLY C 63 6.77 0.46 0.02
C GLY C 63 5.34 0.00 0.22
N ILE C 64 5.10 -0.53 1.41
CA ILE C 64 3.77 -0.88 1.88
C ILE C 64 3.54 -0.14 3.19
N VAL C 65 2.44 0.59 3.32
CA VAL C 65 2.24 1.45 4.51
C VAL C 65 2.33 0.58 5.75
N SER C 66 3.26 0.91 6.65
CA SER C 66 3.54 -0.06 7.73
C SER C 66 3.35 0.56 9.12
N TRP C 67 4.08 1.58 9.51
CA TRP C 67 3.82 2.15 10.82
C TRP C 67 4.43 3.54 10.90
N GLY C 68 4.05 4.33 11.89
CA GLY C 68 4.61 5.67 12.04
C GLY C 68 4.07 6.29 13.33
N SER C 69 4.13 7.61 13.36
CA SER C 69 3.67 8.46 14.44
C SER C 69 2.23 8.16 14.80
N SER C 70 2.00 7.99 16.11
CA SER C 70 0.67 7.69 16.63
C SER C 70 -0.30 8.84 16.42
N THR C 71 0.22 10.03 16.11
CA THR C 71 -0.64 11.16 15.84
C THR C 71 -0.54 11.62 14.38
N CYS C 72 0.06 10.76 13.55
CA CYS C 72 0.22 11.05 12.12
C CYS C 72 0.89 12.41 11.90
N SER C 73 1.90 12.68 12.69
CA SER C 73 2.69 13.89 12.60
C SER C 73 3.28 14.12 11.21
N THR C 74 3.02 15.29 10.61
CA THR C 74 3.53 15.52 9.26
C THR C 74 5.01 15.89 9.26
N SER C 75 5.69 15.98 10.40
CA SER C 75 7.12 16.28 10.39
C SER C 75 7.97 15.10 10.85
N THR C 76 7.29 13.95 10.96
CA THR C 76 7.93 12.69 11.32
C THR C 76 7.88 11.77 10.11
N PRO C 77 8.92 11.00 9.83
CA PRO C 77 8.82 10.13 8.66
C PRO C 77 7.89 8.94 8.95
N GLY C 78 7.14 8.55 7.93
CA GLY C 78 6.34 7.31 8.02
C GLY C 78 7.26 6.15 7.68
N VAL C 79 6.90 4.95 8.12
CA VAL C 79 7.68 3.75 7.86
C VAL C 79 6.89 2.74 7.03
N TYR C 80 7.55 2.23 5.99
CA TYR C 80 6.94 1.42 4.96
C TYR C 80 7.70 0.10 4.87
N ALA C 81 7.06 -1.02 4.60
CA ALA C 81 7.79 -2.25 4.35
C ALA C 81 8.58 -2.07 3.05
N ARG C 82 9.87 -2.38 3.07
CA ARG C 82 10.67 -2.17 1.86
C ARG C 82 10.50 -3.31 0.87
N VAL C 83 9.77 -3.08 -0.22
CA VAL C 83 9.43 -4.20 -1.12
C VAL C 83 10.64 -4.85 -1.77
N THR C 84 11.74 -4.14 -2.07
CA THR C 84 12.90 -4.82 -2.66
C THR C 84 13.39 -5.95 -1.75
N ALA C 85 13.20 -5.81 -0.47
CA ALA C 85 13.70 -6.80 0.50
C ALA C 85 12.73 -7.99 0.62
N LEU C 86 11.54 -7.83 0.06
CA LEU C 86 10.45 -8.78 0.22
C LEU C 86 9.99 -9.41 -1.06
N VAL C 87 10.49 -8.92 -2.22
CA VAL C 87 9.90 -9.34 -3.48
C VAL C 87 10.32 -10.76 -3.83
N ASN C 88 11.50 -11.20 -3.41
CA ASN C 88 11.86 -12.59 -3.69
C ASN C 88 10.85 -13.53 -3.01
N TRP C 89 10.41 -13.17 -1.80
CA TRP C 89 9.35 -13.96 -1.18
C TRP C 89 8.05 -13.90 -1.95
N VAL C 90 7.70 -12.69 -2.42
CA VAL C 90 6.47 -12.64 -3.21
C VAL C 90 6.54 -13.56 -4.44
N GLN C 91 7.68 -13.50 -5.13
CA GLN C 91 7.87 -14.32 -6.34
C GLN C 91 7.77 -15.81 -6.04
N GLN C 92 8.37 -16.23 -4.94
CA GLN C 92 8.38 -17.60 -4.47
C GLN C 92 6.96 -18.05 -4.15
N THR C 93 6.22 -17.17 -3.48
CA THR C 93 4.86 -17.53 -3.09
C THR C 93 3.93 -17.70 -4.26
N LEU C 94 4.02 -16.77 -5.22
CA LEU C 94 3.17 -16.90 -6.40
C LEU C 94 3.54 -18.16 -7.18
N ALA C 95 4.84 -18.44 -7.25
CA ALA C 95 5.30 -19.59 -8.02
C ALA C 95 4.74 -20.90 -7.49
N ALA C 96 4.62 -21.01 -6.18
CA ALA C 96 4.27 -22.28 -5.56
C ALA C 96 2.78 -22.42 -5.31
N ASN C 97 2.03 -21.38 -5.66
CA ASN C 97 0.60 -21.46 -5.35
C ASN C 97 -0.20 -20.98 -6.55
S SO4 D . 6.44 -18.51 3.96
O1 SO4 D . 6.16 -17.77 5.19
O2 SO4 D . 6.25 -19.92 4.23
O3 SO4 D . 5.45 -18.12 2.95
O4 SO4 D . 7.75 -18.17 3.48
C14 BVA E . -0.22 3.94 10.17
C17 BVA E . 1.82 4.54 8.92
C19 BVA E . 2.89 6.66 9.19
C21 BVA E . 0.95 6.12 10.48
C20 BVA E . 1.96 7.01 10.12
C18 BVA E . 2.83 5.43 8.58
O8 BVA E . -2.16 3.41 11.32
O9 BVA E . -3.47 2.40 9.14
O10 BVA E . -0.33 2.83 9.55
O11 BVA E . -3.08 0.94 11.31
O12 BVA E . -0.54 1.33 11.15
N13 BVA E . -1.12 4.24 11.06
C15 BVA E . 0.88 4.89 9.87
V16 BVA E . -2.02 1.95 10.13
#